data_3A2E
#
_entry.id   3A2E
#
_cell.length_a   143.169
_cell.length_b   143.169
_cell.length_c   143.169
_cell.angle_alpha   90.00
_cell.angle_beta   90.00
_cell.angle_gamma   90.00
#
_symmetry.space_group_name_H-M   'P 21 3'
#
loop_
_entity.id
_entity.type
_entity.pdbx_description
1 polymer Ginkbilobin-2
2 water water
#
_entity_poly.entity_id   1
_entity_poly.type   'polypeptide(L)'
_entity_poly.pdbx_seq_one_letter_code
;ANTAFVSSACNTQKIPSGSPFNRNLRAMLADLRQNTAFSGYDYKTSRAGSGGAPTAYGRATCKQSISQSDCTACLSNLVN
RIFSICNNAIGARVQLVDCFIQYEQRSF
;
_entity_poly.pdbx_strand_id   A,B,C,D
#
# COMPACT_ATOMS: atom_id res chain seq x y z
N ALA A 1 3.16 -11.21 -14.19
CA ALA A 1 4.28 -12.05 -14.57
C ALA A 1 3.92 -13.50 -14.29
N ASN A 2 4.52 -14.44 -15.03
CA ASN A 2 4.32 -15.84 -14.75
C ASN A 2 4.94 -16.18 -13.41
N THR A 3 4.10 -16.45 -12.42
CA THR A 3 4.58 -16.65 -11.07
C THR A 3 4.69 -18.12 -10.73
N ALA A 4 4.25 -18.99 -11.63
CA ALA A 4 4.30 -20.43 -11.40
C ALA A 4 5.67 -20.83 -10.82
N PHE A 5 5.67 -21.82 -9.95
CA PHE A 5 6.89 -22.29 -9.30
C PHE A 5 7.68 -23.26 -10.18
N VAL A 6 9.01 -23.15 -10.15
CA VAL A 6 9.90 -24.02 -10.95
C VAL A 6 10.90 -24.82 -10.11
N SER A 7 11.71 -24.14 -9.29
CA SER A 7 12.72 -24.82 -8.49
C SER A 7 13.07 -24.10 -7.19
N SER A 8 13.59 -24.85 -6.23
CA SER A 8 14.04 -24.30 -4.96
C SER A 8 15.17 -25.13 -4.36
N ALA A 9 16.07 -24.47 -3.62
CA ALA A 9 16.98 -25.16 -2.74
C ALA A 9 16.95 -24.40 -1.42
N CYS A 10 16.79 -25.13 -0.32
CA CYS A 10 16.60 -24.49 0.98
C CYS A 10 17.73 -24.80 1.92
N ASN A 11 17.94 -23.94 2.91
CA ASN A 11 18.88 -24.28 3.98
C ASN A 11 18.21 -25.17 5.04
N THR A 12 18.84 -26.29 5.37
CA THR A 12 18.30 -27.26 6.34
C THR A 12 18.23 -26.64 7.73
N GLN A 13 18.87 -25.48 7.87
CA GLN A 13 18.94 -24.76 9.14
C GLN A 13 18.04 -23.52 9.07
N LYS A 14 17.20 -23.34 10.09
CA LYS A 14 16.18 -22.31 10.08
C LYS A 14 16.53 -21.07 10.91
N ILE A 15 15.90 -19.95 10.61
CA ILE A 15 16.03 -18.74 11.39
C ILE A 15 15.33 -18.95 12.75
N PRO A 16 16.02 -18.61 13.86
CA PRO A 16 15.41 -18.80 15.18
C PRO A 16 14.19 -17.92 15.35
N SER A 17 13.16 -18.42 16.02
CA SER A 17 12.04 -17.58 16.41
C SER A 17 12.52 -16.25 17.00
N GLY A 18 12.00 -15.16 16.46
CA GLY A 18 12.27 -13.83 17.00
C GLY A 18 13.66 -13.30 16.69
N SER A 19 14.43 -14.11 15.97
CA SER A 19 15.79 -13.74 15.61
C SER A 19 15.81 -12.41 14.88
N PRO A 20 16.81 -11.58 15.19
CA PRO A 20 17.00 -10.26 14.57
C PRO A 20 17.35 -10.35 13.08
N PHE A 21 17.81 -11.51 12.61
CA PHE A 21 18.14 -11.66 11.19
C PHE A 21 16.90 -11.49 10.30
N ASN A 22 15.73 -11.56 10.92
CA ASN A 22 14.46 -11.38 10.20
C ASN A 22 14.33 -9.97 9.63
N ARG A 23 14.81 -8.99 10.38
CA ARG A 23 14.63 -7.59 10.00
C ARG A 23 15.60 -7.13 8.92
N ASN A 24 16.88 -7.44 9.07
CA ASN A 24 17.85 -7.05 8.05
C ASN A 24 17.65 -7.85 6.75
N LEU A 25 17.24 -9.11 6.91
CA LEU A 25 16.87 -9.96 5.80
C LEU A 25 15.75 -9.33 4.97
N ARG A 26 14.75 -8.79 5.66
CA ARG A 26 13.58 -8.25 4.99
C ARG A 26 13.76 -6.80 4.52
N ALA A 27 14.63 -6.04 5.19
CA ALA A 27 15.06 -4.75 4.63
C ALA A 27 15.81 -5.02 3.33
N MET A 28 16.78 -5.92 3.42
CA MET A 28 17.48 -6.50 2.26
C MET A 28 16.54 -6.88 1.10
N LEU A 29 15.68 -7.89 1.33
CA LEU A 29 14.74 -8.35 0.32
C LEU A 29 13.85 -7.25 -0.25
N ALA A 30 13.64 -6.19 0.54
CA ALA A 30 12.82 -5.06 0.10
C ALA A 30 13.55 -4.27 -0.98
N ASP A 31 14.86 -4.11 -0.81
CA ASP A 31 15.70 -3.48 -1.81
C ASP A 31 15.66 -4.25 -3.13
N LEU A 32 16.01 -5.54 -3.10
CA LEU A 32 15.90 -6.39 -4.29
C LEU A 32 14.64 -6.10 -5.05
N ARG A 33 13.51 -6.21 -4.34
CA ARG A 33 12.19 -6.03 -4.92
C ARG A 33 11.95 -4.64 -5.50
N GLN A 34 12.43 -3.60 -4.81
CA GLN A 34 12.27 -2.23 -5.29
C GLN A 34 13.19 -1.89 -6.46
N ASN A 35 14.43 -2.35 -6.38
CA ASN A 35 15.49 -1.86 -7.25
C ASN A 35 15.90 -2.75 -8.43
N THR A 36 15.47 -4.01 -8.44
CA THR A 36 15.95 -4.97 -9.44
C THR A 36 15.61 -4.61 -10.89
N ALA A 37 14.35 -4.29 -11.18
CA ALA A 37 13.93 -3.99 -12.55
C ALA A 37 14.59 -2.74 -13.13
N PHE A 38 15.25 -1.96 -12.27
CA PHE A 38 15.85 -0.70 -12.69
C PHE A 38 17.38 -0.73 -12.61
N SER A 39 17.92 -1.91 -12.28
CA SER A 39 19.36 -2.08 -12.10
C SER A 39 19.89 -3.25 -12.94
N GLY A 40 19.22 -3.55 -14.04
CA GLY A 40 19.71 -4.55 -14.97
C GLY A 40 18.92 -5.85 -15.02
N TYR A 41 17.78 -5.91 -14.31
CA TYR A 41 16.94 -7.11 -14.23
C TYR A 41 17.68 -8.22 -13.52
N ASP A 42 18.72 -7.83 -12.80
CA ASP A 42 19.58 -8.76 -12.11
C ASP A 42 20.49 -7.87 -11.27
N TYR A 43 20.43 -8.06 -9.96
CA TYR A 43 20.82 -7.02 -9.02
C TYR A 43 21.15 -7.66 -7.66
N LYS A 44 22.20 -7.20 -7.01
CA LYS A 44 22.52 -7.72 -5.68
C LYS A 44 22.62 -6.61 -4.65
N THR A 45 22.42 -6.98 -3.40
CA THR A 45 22.48 -6.04 -2.29
C THR A 45 22.65 -6.83 -1.00
N SER A 46 22.84 -6.12 0.10
CA SER A 46 23.10 -6.77 1.40
C SER A 46 22.72 -5.84 2.55
N ARG A 47 22.33 -6.41 3.69
CA ARG A 47 22.11 -5.61 4.89
C ARG A 47 22.83 -6.27 6.06
N ALA A 48 23.52 -5.45 6.84
CA ALA A 48 24.24 -5.95 7.99
C ALA A 48 23.26 -6.27 9.10
N GLY A 49 23.64 -7.23 9.93
CA GLY A 49 22.79 -7.62 11.04
C GLY A 49 23.06 -6.76 12.26
N SER A 50 22.04 -6.62 13.10
CA SER A 50 22.22 -5.99 14.40
C SER A 50 21.87 -7.04 15.45
N GLY A 51 22.30 -6.80 16.68
CA GLY A 51 22.01 -7.72 17.78
C GLY A 51 22.50 -9.14 17.56
N GLY A 52 23.56 -9.30 16.76
CA GLY A 52 24.19 -10.59 16.57
C GLY A 52 23.70 -11.39 15.36
N ALA A 53 22.90 -10.75 14.52
CA ALA A 53 22.41 -11.37 13.30
C ALA A 53 23.46 -11.22 12.22
N PRO A 54 23.61 -12.23 11.40
CA PRO A 54 24.61 -12.12 10.33
C PRO A 54 24.12 -11.17 9.25
N THR A 55 25.03 -10.69 8.42
CA THR A 55 24.65 -9.87 7.28
C THR A 55 23.75 -10.71 6.40
N ALA A 56 22.79 -10.09 5.75
CA ALA A 56 21.98 -10.76 4.74
C ALA A 56 22.51 -10.36 3.38
N TYR A 57 22.85 -11.35 2.55
CA TYR A 57 23.31 -11.09 1.18
C TYR A 57 22.28 -11.59 0.18
N GLY A 58 21.93 -10.74 -0.78
CA GLY A 58 20.82 -11.06 -1.65
C GLY A 58 21.08 -10.89 -3.13
N ARG A 59 20.25 -11.58 -3.91
CA ARG A 59 20.24 -11.47 -5.36
C ARG A 59 18.81 -11.66 -5.85
N ALA A 60 18.49 -10.98 -6.96
CA ALA A 60 17.19 -11.12 -7.61
C ALA A 60 17.40 -10.90 -9.10
N THR A 61 16.83 -11.77 -9.92
CA THR A 61 16.87 -11.61 -11.36
C THR A 61 15.45 -11.60 -11.89
N CYS A 62 15.27 -11.12 -13.12
CA CYS A 62 13.97 -11.10 -13.75
C CYS A 62 14.12 -11.42 -15.22
N LYS A 63 13.14 -12.15 -15.76
CA LYS A 63 13.12 -12.48 -17.19
C LYS A 63 13.20 -11.20 -18.01
N GLN A 64 14.25 -11.09 -18.83
CA GLN A 64 14.55 -9.84 -19.52
C GLN A 64 13.40 -9.36 -20.38
N SER A 65 12.48 -10.25 -20.71
CA SER A 65 11.43 -9.92 -21.65
C SER A 65 10.15 -9.37 -21.03
N ILE A 66 10.10 -9.24 -19.71
CA ILE A 66 8.92 -8.66 -19.07
C ILE A 66 9.13 -7.18 -18.73
N SER A 67 8.03 -6.44 -18.58
CA SER A 67 8.12 -5.02 -18.25
C SER A 67 8.75 -4.84 -16.88
N GLN A 68 9.28 -3.65 -16.62
CA GLN A 68 9.86 -3.34 -15.31
C GLN A 68 8.82 -3.45 -14.19
N SER A 69 7.62 -2.92 -14.41
CA SER A 69 6.57 -3.00 -13.38
C SER A 69 6.13 -4.45 -13.16
N ASP A 70 6.02 -5.20 -14.25
CA ASP A 70 5.71 -6.63 -14.17
C ASP A 70 6.80 -7.38 -13.38
N CYS A 71 8.05 -6.91 -13.53
CA CYS A 71 9.21 -7.53 -12.88
C CYS A 71 9.21 -7.35 -11.35
N THR A 72 8.77 -6.18 -10.90
CA THR A 72 8.64 -5.92 -9.47
C THR A 72 7.42 -6.62 -8.91
N ALA A 73 6.50 -7.01 -9.79
CA ALA A 73 5.28 -7.74 -9.42
C ALA A 73 5.59 -9.22 -9.15
N CYS A 74 6.49 -9.77 -9.95
CA CYS A 74 6.92 -11.15 -9.79
C CYS A 74 7.74 -11.28 -8.51
N LEU A 75 8.61 -10.29 -8.28
CA LEU A 75 9.50 -10.33 -7.12
C LEU A 75 8.71 -10.17 -5.82
N SER A 76 7.75 -9.24 -5.80
CA SER A 76 6.87 -9.09 -4.65
C SER A 76 6.13 -10.38 -4.37
N ASN A 77 5.66 -11.03 -5.44
CA ASN A 77 4.97 -12.31 -5.32
C ASN A 77 5.90 -13.36 -4.72
N LEU A 78 7.17 -13.33 -5.09
CA LEU A 78 8.14 -14.33 -4.68
C LEU A 78 8.59 -14.10 -3.24
N VAL A 79 8.70 -12.83 -2.86
CA VAL A 79 9.04 -12.48 -1.50
C VAL A 79 7.94 -12.99 -0.57
N ASN A 80 6.72 -13.02 -1.09
CA ASN A 80 5.55 -13.51 -0.33
C ASN A 80 5.50 -15.01 -0.10
N ARG A 81 6.25 -15.77 -0.89
CA ARG A 81 6.18 -17.22 -0.86
C ARG A 81 7.47 -17.88 -0.39
N ILE A 82 8.59 -17.20 -0.59
CA ILE A 82 9.90 -17.80 -0.36
C ILE A 82 10.04 -18.30 1.07
N PHE A 83 9.33 -17.67 2.00
CA PHE A 83 9.39 -18.07 3.40
C PHE A 83 8.64 -19.35 3.65
N SER A 84 7.56 -19.53 2.89
CA SER A 84 6.80 -20.77 2.91
C SER A 84 7.57 -21.85 2.14
N ILE A 85 7.96 -21.55 0.91
CA ILE A 85 8.63 -22.51 0.04
C ILE A 85 9.80 -23.26 0.71
N CYS A 86 10.46 -22.60 1.67
CA CYS A 86 11.66 -23.17 2.29
C CYS A 86 11.62 -23.26 3.83
N ASN A 87 10.46 -22.99 4.42
CA ASN A 87 10.27 -23.08 5.88
C ASN A 87 11.27 -22.27 6.72
N ASN A 88 11.26 -20.95 6.55
CA ASN A 88 12.06 -20.04 7.36
C ASN A 88 13.55 -20.40 7.43
N ALA A 89 14.13 -20.83 6.30
CA ALA A 89 15.54 -21.23 6.24
C ALA A 89 16.46 -20.04 6.40
N ILE A 90 17.69 -20.28 6.84
CA ILE A 90 18.66 -19.19 6.93
C ILE A 90 19.25 -18.88 5.56
N GLY A 91 18.81 -19.61 4.55
CA GLY A 91 19.26 -19.44 3.17
C GLY A 91 18.36 -20.15 2.19
N ALA A 92 18.14 -19.56 1.02
CA ALA A 92 17.22 -20.09 0.03
C ALA A 92 17.51 -19.62 -1.38
N ARG A 93 17.21 -20.48 -2.34
CA ARG A 93 17.11 -20.10 -3.74
C ARG A 93 15.72 -20.51 -4.20
N VAL A 94 15.01 -19.59 -4.84
CA VAL A 94 13.73 -19.93 -5.44
C VAL A 94 13.63 -19.32 -6.83
N GLN A 95 13.31 -20.14 -7.81
CA GLN A 95 13.16 -19.67 -9.17
C GLN A 95 11.69 -19.72 -9.55
N LEU A 96 11.14 -18.59 -9.99
CA LEU A 96 9.83 -18.59 -10.60
C LEU A 96 10.09 -18.42 -12.09
N VAL A 97 9.07 -18.61 -12.92
CA VAL A 97 9.25 -18.54 -14.37
C VAL A 97 9.89 -17.21 -14.80
N ASP A 98 9.48 -16.11 -14.16
CA ASP A 98 9.89 -14.79 -14.62
C ASP A 98 10.85 -14.05 -13.71
N CYS A 99 11.30 -14.68 -12.63
CA CYS A 99 12.13 -13.99 -11.64
C CYS A 99 12.64 -14.95 -10.58
N PHE A 100 13.74 -14.55 -9.94
CA PHE A 100 14.50 -15.42 -9.06
C PHE A 100 14.98 -14.58 -7.91
N ILE A 101 14.96 -15.16 -6.71
CA ILE A 101 15.58 -14.56 -5.53
C ILE A 101 16.54 -15.56 -4.89
N GLN A 102 17.77 -15.14 -4.61
CA GLN A 102 18.62 -15.89 -3.71
C GLN A 102 18.97 -15.01 -2.53
N TYR A 103 19.14 -15.63 -1.36
CA TYR A 103 19.63 -14.92 -0.20
C TYR A 103 20.47 -15.82 0.70
N GLU A 104 21.47 -15.26 1.36
CA GLU A 104 22.36 -16.01 2.23
C GLU A 104 22.91 -15.10 3.32
N GLN A 105 23.45 -15.70 4.38
CA GLN A 105 24.11 -14.95 5.45
C GLN A 105 25.59 -14.80 5.15
N ARG A 106 25.96 -15.16 3.92
CA ARG A 106 27.32 -15.09 3.41
C ARG A 106 27.25 -14.51 2.00
N SER A 107 28.28 -13.79 1.58
CA SER A 107 28.29 -13.28 0.21
C SER A 107 28.46 -14.46 -0.73
N PHE A 108 27.74 -14.44 -1.84
CA PHE A 108 27.83 -15.53 -2.81
C PHE A 108 27.98 -14.93 -4.19
N ALA B 1 5.88 2.05 29.30
CA ALA B 1 5.28 2.88 28.27
C ALA B 1 3.79 3.17 28.57
N ASN B 2 3.14 3.82 27.63
CA ASN B 2 1.70 4.01 27.66
C ASN B 2 1.03 2.84 26.94
N THR B 3 0.63 1.83 27.71
CA THR B 3 0.05 0.63 27.10
C THR B 3 -1.47 0.57 27.29
N ALA B 4 -2.11 1.73 27.25
CA ALA B 4 -3.56 1.81 27.36
C ALA B 4 -4.23 1.41 26.04
N PHE B 5 -5.29 0.59 26.14
CA PHE B 5 -6.02 0.09 24.96
C PHE B 5 -6.88 1.16 24.28
N VAL B 6 -6.73 1.30 22.97
CA VAL B 6 -7.47 2.33 22.22
C VAL B 6 -8.52 1.77 21.23
N SER B 7 -8.19 0.67 20.55
CA SER B 7 -9.12 0.08 19.59
C SER B 7 -8.79 -1.37 19.23
N SER B 8 -9.68 -1.99 18.47
CA SER B 8 -9.50 -3.38 18.05
C SER B 8 -10.56 -3.82 17.03
N ALA B 9 -10.13 -4.50 15.98
CA ALA B 9 -11.00 -5.18 15.04
C ALA B 9 -10.61 -6.65 15.02
N CYS B 10 -11.55 -7.53 15.33
CA CYS B 10 -11.24 -8.94 15.50
C CYS B 10 -11.88 -9.76 14.39
N ASN B 11 -11.14 -10.72 13.85
CA ASN B 11 -11.77 -11.68 12.94
C ASN B 11 -12.81 -12.44 13.74
N THR B 12 -13.94 -12.74 13.13
CA THR B 12 -15.00 -13.47 13.82
C THR B 12 -14.64 -14.95 13.93
N GLN B 13 -13.72 -15.41 13.09
CA GLN B 13 -13.22 -16.78 13.16
C GLN B 13 -12.02 -16.91 14.10
N LYS B 14 -12.03 -17.96 14.92
CA LYS B 14 -11.01 -18.14 15.94
C LYS B 14 -10.09 -19.33 15.64
N ILE B 15 -8.87 -19.28 16.16
CA ILE B 15 -7.90 -20.36 15.96
C ILE B 15 -8.28 -21.53 16.83
N PRO B 16 -8.41 -22.72 16.21
CA PRO B 16 -8.73 -23.97 16.92
C PRO B 16 -7.69 -24.31 17.98
N SER B 17 -8.16 -24.66 19.17
CA SER B 17 -7.31 -25.13 20.26
C SER B 17 -6.36 -26.21 19.72
N GLY B 18 -5.07 -26.00 19.92
CA GLY B 18 -4.07 -26.90 19.39
C GLY B 18 -3.91 -26.84 17.88
N SER B 19 -4.10 -25.65 17.31
CA SER B 19 -3.81 -25.44 15.89
C SER B 19 -2.30 -25.27 15.71
N PRO B 20 -1.76 -25.82 14.61
CA PRO B 20 -0.32 -25.69 14.29
C PRO B 20 0.01 -24.23 14.06
N PHE B 21 -1.04 -23.41 13.92
CA PHE B 21 -0.88 -21.99 13.68
C PHE B 21 -0.52 -21.18 14.93
N ASN B 22 -1.02 -21.60 16.08
CA ASN B 22 -0.65 -20.93 17.33
C ASN B 22 0.87 -20.89 17.41
N ARG B 23 1.50 -21.96 16.95
CA ARG B 23 2.96 -22.10 16.95
C ARG B 23 3.69 -21.00 16.16
N ASN B 24 3.55 -21.00 14.84
CA ASN B 24 4.24 -20.00 14.00
C ASN B 24 3.69 -18.59 14.16
N LEU B 25 2.50 -18.48 14.73
CA LEU B 25 1.92 -17.18 15.08
C LEU B 25 2.67 -16.51 16.23
N ARG B 26 3.10 -17.28 17.21
CA ARG B 26 3.82 -16.70 18.34
C ARG B 26 5.30 -16.42 18.03
N ALA B 27 5.91 -17.24 17.19
CA ALA B 27 7.26 -16.94 16.71
C ALA B 27 7.19 -15.67 15.90
N MET B 28 6.05 -15.48 15.25
CA MET B 28 5.77 -14.29 14.45
C MET B 28 5.69 -13.06 15.35
N LEU B 29 4.90 -13.17 16.41
CA LEU B 29 4.73 -12.07 17.38
C LEU B 29 6.03 -11.75 18.13
N ALA B 30 6.84 -12.79 18.36
CA ALA B 30 8.15 -12.62 18.96
C ALA B 30 9.05 -11.83 18.01
N ASP B 31 8.98 -12.20 16.73
CA ASP B 31 9.67 -11.49 15.66
C ASP B 31 9.40 -9.98 15.73
N LEU B 32 8.13 -9.58 15.60
CA LEU B 32 7.71 -8.18 15.66
C LEU B 32 8.11 -7.49 16.94
N ARG B 33 7.89 -8.16 18.06
CA ARG B 33 8.16 -7.63 19.39
C ARG B 33 9.62 -7.23 19.53
N GLN B 34 10.50 -8.10 19.05
CA GLN B 34 11.94 -7.90 19.12
C GLN B 34 12.47 -6.78 18.20
N ASN B 35 11.94 -6.70 16.99
CA ASN B 35 12.61 -5.97 15.91
C ASN B 35 12.02 -4.62 15.49
N THR B 36 10.76 -4.36 15.83
CA THR B 36 10.07 -3.14 15.39
C THR B 36 10.71 -1.86 15.92
N ALA B 37 11.35 -1.94 17.09
CA ALA B 37 12.06 -0.79 17.67
C ALA B 37 13.35 -0.53 16.89
N PHE B 38 13.65 -1.44 15.96
CA PHE B 38 14.84 -1.32 15.12
C PHE B 38 14.51 -1.32 13.64
N SER B 39 13.22 -1.30 13.32
CA SER B 39 12.78 -1.20 11.94
C SER B 39 11.96 0.04 11.72
N GLY B 40 12.35 1.12 12.39
CA GLY B 40 11.78 2.43 12.13
C GLY B 40 10.39 2.64 12.73
N TYR B 41 10.03 1.82 13.72
CA TYR B 41 8.73 1.91 14.38
C TYR B 41 7.57 1.63 13.40
N ASP B 42 7.87 0.86 12.36
CA ASP B 42 6.87 0.39 11.40
C ASP B 42 7.49 -0.76 10.63
N TYR B 43 7.14 -1.98 11.01
CA TYR B 43 7.88 -3.18 10.61
C TYR B 43 6.94 -4.35 10.28
N LYS B 44 7.18 -5.00 9.15
CA LYS B 44 6.36 -6.14 8.73
C LYS B 44 7.22 -7.38 8.61
N THR B 45 6.64 -8.54 8.90
CA THR B 45 7.37 -9.79 8.84
C THR B 45 6.37 -10.94 8.71
N SER B 46 6.89 -12.18 8.69
CA SER B 46 6.02 -13.33 8.58
C SER B 46 6.64 -14.56 9.23
N ARG B 47 5.96 -15.68 9.07
CA ARG B 47 6.42 -16.94 9.62
C ARG B 47 5.62 -18.07 9.00
N ALA B 48 6.24 -18.81 8.10
CA ALA B 48 5.60 -19.99 7.52
C ALA B 48 5.36 -21.03 8.61
N GLY B 49 4.28 -21.79 8.49
CA GLY B 49 3.92 -22.74 9.53
C GLY B 49 4.32 -24.16 9.20
N SER B 50 3.89 -25.08 10.05
CA SER B 50 4.14 -26.50 9.83
C SER B 50 2.85 -27.30 10.04
N GLY B 51 2.69 -28.36 9.27
CA GLY B 51 1.53 -29.22 9.40
C GLY B 51 0.21 -28.63 8.92
N GLY B 52 0.24 -27.97 7.77
CA GLY B 52 -0.96 -27.41 7.18
C GLY B 52 -1.47 -26.16 7.87
N ALA B 53 -0.59 -25.53 8.66
CA ALA B 53 -0.91 -24.24 9.25
C ALA B 53 -0.60 -23.15 8.24
N PRO B 54 -1.44 -22.12 8.20
CA PRO B 54 -1.22 -20.96 7.32
C PRO B 54 0.02 -20.17 7.72
N THR B 55 0.61 -19.45 6.77
CA THR B 55 1.69 -18.53 7.08
C THR B 55 1.12 -17.36 7.86
N ALA B 56 1.82 -16.96 8.92
CA ALA B 56 1.41 -15.83 9.71
C ALA B 56 2.12 -14.58 9.21
N TYR B 57 1.35 -13.56 8.86
CA TYR B 57 1.90 -12.31 8.37
C TYR B 57 1.57 -11.19 9.35
N GLY B 58 2.57 -10.38 9.69
CA GLY B 58 2.36 -9.34 10.67
C GLY B 58 2.93 -7.99 10.31
N ARG B 59 2.44 -6.96 11.01
CA ARG B 59 3.02 -5.64 10.96
C ARG B 59 2.84 -4.99 12.31
N ALA B 60 3.88 -4.36 12.84
CA ALA B 60 3.76 -3.59 14.06
C ALA B 60 4.18 -2.16 13.79
N THR B 61 3.75 -1.25 14.64
CA THR B 61 4.27 0.12 14.60
C THR B 61 4.45 0.60 16.01
N CYS B 62 5.32 1.59 16.19
CA CYS B 62 5.46 2.23 17.48
C CYS B 62 5.32 3.73 17.34
N LYS B 63 4.70 4.34 18.35
CA LYS B 63 4.57 5.79 18.43
C LYS B 63 5.93 6.45 18.23
N GLN B 64 6.05 7.20 17.14
CA GLN B 64 7.33 7.72 16.72
C GLN B 64 8.13 8.37 17.84
N SER B 65 7.42 9.03 18.74
CA SER B 65 8.07 9.85 19.74
C SER B 65 8.80 9.09 20.86
N ILE B 66 8.42 7.83 21.11
CA ILE B 66 8.96 7.11 22.27
C ILE B 66 10.32 6.47 22.05
N SER B 67 10.98 6.17 23.17
CA SER B 67 12.24 5.47 23.14
C SER B 67 12.05 4.16 22.41
N GLN B 68 13.15 3.49 22.11
CA GLN B 68 13.08 2.16 21.52
C GLN B 68 12.67 1.17 22.58
N SER B 69 13.14 1.39 23.81
CA SER B 69 12.82 0.50 24.93
C SER B 69 11.34 0.60 25.30
N ASP B 70 10.74 1.77 25.10
CA ASP B 70 9.29 1.93 25.27
C ASP B 70 8.52 1.19 24.18
N CYS B 71 9.12 1.11 23.00
CA CYS B 71 8.55 0.40 21.86
C CYS B 71 8.46 -1.09 22.18
N THR B 72 9.59 -1.68 22.54
CA THR B 72 9.68 -3.11 22.82
C THR B 72 8.79 -3.51 24.00
N ALA B 73 8.82 -2.71 25.06
CA ALA B 73 8.00 -2.92 26.24
C ALA B 73 6.52 -2.81 25.93
N CYS B 74 6.16 -1.84 25.09
CA CYS B 74 4.78 -1.68 24.65
C CYS B 74 4.35 -2.85 23.76
N LEU B 75 5.28 -3.38 22.97
CA LEU B 75 4.95 -4.48 22.06
C LEU B 75 4.89 -5.85 22.76
N SER B 76 5.65 -6.00 23.85
CA SER B 76 5.56 -7.21 24.67
C SER B 76 4.23 -7.29 25.41
N ASN B 77 3.87 -6.19 26.08
CA ASN B 77 2.57 -6.04 26.72
C ASN B 77 1.43 -6.52 25.79
N LEU B 78 1.45 -6.07 24.53
CA LEU B 78 0.36 -6.35 23.60
C LEU B 78 0.33 -7.82 23.18
N VAL B 79 1.50 -8.38 22.90
CA VAL B 79 1.63 -9.78 22.50
C VAL B 79 1.08 -10.71 23.58
N ASN B 80 1.24 -10.30 24.84
CA ASN B 80 0.68 -11.03 25.97
C ASN B 80 -0.81 -10.81 26.06
N ARG B 81 -1.28 -9.80 25.35
CA ARG B 81 -2.65 -9.35 25.47
C ARG B 81 -3.53 -9.70 24.29
N ILE B 82 -2.94 -9.79 23.11
CA ILE B 82 -3.71 -9.86 21.87
C ILE B 82 -4.64 -11.09 21.78
N PHE B 83 -4.31 -12.18 22.46
CA PHE B 83 -5.11 -13.41 22.38
C PHE B 83 -6.40 -13.38 23.21
N SER B 84 -6.38 -12.65 24.32
CA SER B 84 -7.59 -12.45 25.11
C SER B 84 -8.39 -11.26 24.54
N ILE B 85 -7.67 -10.27 24.01
CA ILE B 85 -8.27 -9.12 23.35
C ILE B 85 -9.28 -9.56 22.28
N CYS B 86 -8.82 -10.38 21.34
CA CYS B 86 -9.66 -10.85 20.23
C CYS B 86 -10.03 -12.32 20.27
N ASN B 87 -9.98 -12.91 21.47
CA ASN B 87 -10.37 -14.31 21.71
C ASN B 87 -9.79 -15.37 20.74
N ASN B 88 -8.47 -15.34 20.57
CA ASN B 88 -7.78 -16.30 19.71
C ASN B 88 -8.22 -16.20 18.25
N ALA B 89 -8.45 -14.99 17.76
CA ALA B 89 -8.97 -14.79 16.39
C ALA B 89 -7.94 -15.21 15.34
N ILE B 90 -8.41 -15.47 14.11
CA ILE B 90 -7.48 -15.80 13.03
C ILE B 90 -6.82 -14.53 12.50
N GLY B 91 -7.31 -13.39 12.95
CA GLY B 91 -6.74 -12.11 12.57
C GLY B 91 -7.09 -11.06 13.60
N ALA B 92 -6.29 -10.01 13.67
CA ALA B 92 -6.48 -8.96 14.66
C ALA B 92 -5.68 -7.69 14.34
N ARG B 93 -6.25 -6.55 14.72
CA ARG B 93 -5.60 -5.25 14.69
C ARG B 93 -5.81 -4.61 16.05
N VAL B 94 -4.79 -4.61 16.91
CA VAL B 94 -4.90 -3.98 18.22
C VAL B 94 -4.03 -2.73 18.33
N GLN B 95 -4.65 -1.61 18.70
CA GLN B 95 -3.90 -0.39 18.97
C GLN B 95 -3.89 -0.13 20.46
N LEU B 96 -2.69 0.07 21.02
CA LEU B 96 -2.53 0.70 22.33
C LEU B 96 -2.09 2.13 22.06
N VAL B 97 -1.77 2.87 23.11
CA VAL B 97 -1.29 4.24 22.90
C VAL B 97 0.11 4.30 22.26
N ASP B 98 1.00 3.39 22.67
CA ASP B 98 2.40 3.46 22.26
C ASP B 98 2.83 2.55 21.10
N CYS B 99 2.00 1.59 20.75
CA CYS B 99 2.35 0.65 19.69
C CYS B 99 1.14 -0.09 19.13
N PHE B 100 1.29 -0.55 17.90
CA PHE B 100 0.22 -1.21 17.16
C PHE B 100 0.75 -2.50 16.59
N ILE B 101 -0.09 -3.54 16.63
CA ILE B 101 0.22 -4.82 16.01
C ILE B 101 -0.94 -5.28 15.13
N GLN B 102 -0.63 -5.94 14.02
CA GLN B 102 -1.64 -6.59 13.18
C GLN B 102 -1.18 -7.98 12.79
N TYR B 103 -2.11 -8.93 12.84
CA TYR B 103 -1.80 -10.26 12.31
C TYR B 103 -2.95 -10.85 11.51
N GLU B 104 -2.59 -11.51 10.41
CA GLU B 104 -3.54 -12.12 9.51
C GLU B 104 -2.96 -13.44 8.99
N GLN B 105 -3.80 -14.25 8.37
CA GLN B 105 -3.35 -15.53 7.80
C GLN B 105 -2.89 -15.38 6.35
N ARG B 106 -3.08 -14.19 5.80
CA ARG B 106 -2.55 -13.86 4.48
C ARG B 106 -1.89 -12.50 4.49
N SER B 107 -1.01 -12.29 3.53
CA SER B 107 -0.30 -11.02 3.42
C SER B 107 -1.28 -9.85 3.32
N PHE B 108 -0.88 -8.68 3.82
CA PHE B 108 -1.76 -7.52 3.79
C PHE B 108 -1.07 -6.24 3.33
N ALA C 1 12.35 25.83 -5.86
CA ALA C 1 12.19 24.45 -6.31
C ALA C 1 13.38 23.99 -7.14
N ASN C 2 14.14 23.05 -6.57
CA ASN C 2 15.21 22.37 -7.29
C ASN C 2 14.61 21.37 -8.26
N THR C 3 14.43 21.78 -9.50
CA THR C 3 13.75 20.97 -10.49
C THR C 3 14.69 20.01 -11.20
N ALA C 4 15.80 19.69 -10.56
CA ALA C 4 16.84 18.86 -11.19
C ALA C 4 16.45 17.37 -11.28
N PHE C 5 16.47 16.84 -12.50
CA PHE C 5 16.10 15.45 -12.76
C PHE C 5 16.89 14.46 -11.90
N VAL C 6 16.16 13.51 -11.31
CA VAL C 6 16.79 12.45 -10.54
C VAL C 6 16.61 11.12 -11.26
N SER C 7 15.37 10.78 -11.59
CA SER C 7 15.09 9.49 -12.17
C SER C 7 13.74 9.45 -12.86
N SER C 8 13.56 8.47 -13.74
CA SER C 8 12.32 8.27 -14.48
C SER C 8 12.06 6.78 -14.70
N ALA C 9 10.83 6.45 -15.08
CA ALA C 9 10.46 5.11 -15.52
C ALA C 9 9.21 5.22 -16.39
N CYS C 10 9.32 4.80 -17.64
CA CYS C 10 8.25 5.00 -18.61
C CYS C 10 7.71 3.66 -19.07
N ASN C 11 6.41 3.62 -19.36
CA ASN C 11 5.83 2.47 -20.03
C ASN C 11 6.27 2.51 -21.49
N THR C 12 6.60 1.34 -22.05
CA THR C 12 7.09 1.25 -23.44
C THR C 12 6.00 1.53 -24.49
N GLN C 13 4.74 1.33 -24.11
CA GLN C 13 3.63 1.74 -24.96
C GLN C 13 3.38 3.23 -24.76
N LYS C 14 3.09 3.94 -25.84
CA LYS C 14 2.90 5.38 -25.78
C LYS C 14 1.46 5.74 -26.10
N ILE C 15 1.08 6.98 -25.79
CA ILE C 15 -0.26 7.45 -26.06
C ILE C 15 -0.36 7.94 -27.49
N PRO C 16 -1.27 7.30 -28.27
CA PRO C 16 -1.52 7.62 -29.68
C PRO C 16 -1.86 9.09 -29.89
N SER C 17 -1.25 9.68 -30.91
CA SER C 17 -1.63 11.01 -31.35
C SER C 17 -3.15 11.04 -31.54
N GLY C 18 -3.80 12.03 -30.94
CA GLY C 18 -5.25 12.16 -31.04
C GLY C 18 -6.11 11.45 -29.99
N SER C 19 -5.54 10.52 -29.24
CA SER C 19 -6.27 9.76 -28.22
C SER C 19 -6.94 10.68 -27.18
N PRO C 20 -8.16 10.33 -26.75
CA PRO C 20 -8.89 11.15 -25.75
C PRO C 20 -8.29 11.05 -24.35
N PHE C 21 -7.50 10.01 -24.09
CA PHE C 21 -6.82 9.86 -22.80
C PHE C 21 -5.88 11.03 -22.52
N ASN C 22 -5.38 11.64 -23.58
CA ASN C 22 -4.59 12.86 -23.46
C ASN C 22 -5.36 13.91 -22.66
N ARG C 23 -6.65 14.04 -22.97
CA ARG C 23 -7.50 15.11 -22.43
C ARG C 23 -7.76 14.96 -20.92
N ASN C 24 -8.01 13.73 -20.46
CA ASN C 24 -8.18 13.49 -19.02
C ASN C 24 -6.87 13.34 -18.25
N LEU C 25 -5.82 12.90 -18.94
CA LEU C 25 -4.48 12.87 -18.35
C LEU C 25 -4.00 14.26 -17.91
N ARG C 26 -4.29 15.28 -18.72
CA ARG C 26 -3.85 16.63 -18.44
C ARG C 26 -4.64 17.27 -17.31
N ALA C 27 -5.92 16.90 -17.21
CA ALA C 27 -6.76 17.42 -16.15
C ALA C 27 -6.31 16.91 -14.78
N MET C 28 -6.08 15.59 -14.71
CA MET C 28 -5.65 14.96 -13.47
C MET C 28 -4.32 15.54 -13.03
N LEU C 29 -3.42 15.75 -14.00
CA LEU C 29 -2.13 16.40 -13.73
C LEU C 29 -2.28 17.84 -13.22
N ALA C 30 -3.29 18.56 -13.70
CA ALA C 30 -3.60 19.90 -13.19
C ALA C 30 -4.13 19.76 -11.77
N ASP C 31 -4.80 18.64 -11.52
CA ASP C 31 -5.23 18.30 -10.17
C ASP C 31 -4.00 18.13 -9.23
N LEU C 32 -3.10 17.21 -9.56
CA LEU C 32 -1.91 16.97 -8.74
C LEU C 32 -1.11 18.22 -8.50
N ARG C 33 -0.91 19.01 -9.56
CA ARG C 33 -0.13 20.25 -9.50
C ARG C 33 -0.83 21.35 -8.70
N GLN C 34 -2.15 21.46 -8.85
CA GLN C 34 -2.93 22.44 -8.11
C GLN C 34 -3.02 22.08 -6.62
N ASN C 35 -3.07 20.79 -6.31
CA ASN C 35 -3.53 20.34 -4.99
C ASN C 35 -2.52 19.63 -4.07
N THR C 36 -1.34 19.26 -4.57
CA THR C 36 -0.38 18.49 -3.75
C THR C 36 0.07 19.20 -2.46
N ALA C 37 0.52 20.45 -2.58
CA ALA C 37 1.07 21.19 -1.42
C ALA C 37 0.13 21.22 -0.23
N PHE C 38 -1.18 21.16 -0.52
CA PHE C 38 -2.22 21.32 0.49
C PHE C 38 -2.86 20.02 0.89
N SER C 39 -2.26 18.91 0.46
CA SER C 39 -2.69 17.59 0.88
C SER C 39 -1.51 16.79 1.40
N GLY C 40 -0.70 17.40 2.26
CA GLY C 40 0.40 16.73 2.92
C GLY C 40 1.53 16.32 1.99
N TYR C 41 1.75 17.10 0.93
CA TYR C 41 2.85 16.88 -0.02
C TYR C 41 2.89 15.47 -0.62
N ASP C 42 1.82 14.70 -0.42
CA ASP C 42 1.70 13.37 -0.99
C ASP C 42 0.25 13.15 -1.39
N TYR C 43 -0.01 13.19 -2.69
CA TYR C 43 -1.39 13.26 -3.19
C TYR C 43 -1.65 12.32 -4.37
N LYS C 44 -2.74 11.55 -4.29
CA LYS C 44 -3.17 10.67 -5.37
C LYS C 44 -4.55 11.11 -5.82
N THR C 45 -4.76 11.21 -7.13
CA THR C 45 -6.05 11.66 -7.61
C THR C 45 -6.40 10.96 -8.91
N SER C 46 -7.63 11.12 -9.38
CA SER C 46 -8.01 10.55 -10.67
C SER C 46 -8.90 11.49 -11.50
N ARG C 47 -9.00 11.17 -12.78
CA ARG C 47 -9.81 11.93 -13.71
C ARG C 47 -10.39 11.00 -14.77
N ALA C 48 -11.65 10.61 -14.60
CA ALA C 48 -12.32 9.78 -15.58
C ALA C 48 -12.35 10.52 -16.91
N GLY C 49 -12.20 9.77 -18.01
CA GLY C 49 -12.17 10.37 -19.33
C GLY C 49 -13.30 9.91 -20.21
N SER C 50 -13.42 10.55 -21.37
CA SER C 50 -14.48 10.22 -22.31
C SER C 50 -13.93 9.49 -23.52
N GLY C 51 -14.76 9.38 -24.54
CA GLY C 51 -14.35 8.79 -25.80
C GLY C 51 -13.67 7.44 -25.68
N GLY C 52 -13.78 6.82 -24.51
CA GLY C 52 -13.15 5.53 -24.28
C GLY C 52 -11.81 5.62 -23.58
N ALA C 53 -11.35 6.86 -23.37
CA ALA C 53 -10.10 7.10 -22.68
C ALA C 53 -10.12 6.37 -21.34
N PRO C 54 -9.06 5.61 -21.06
CA PRO C 54 -8.94 5.00 -19.74
C PRO C 54 -8.94 6.12 -18.69
N THR C 55 -9.14 5.76 -17.44
CA THR C 55 -9.05 6.74 -16.36
C THR C 55 -7.58 6.99 -16.04
N ALA C 56 -7.23 8.25 -15.81
CA ALA C 56 -5.87 8.63 -15.45
C ALA C 56 -5.70 8.65 -13.94
N TYR C 57 -4.86 7.76 -13.43
CA TYR C 57 -4.48 7.75 -12.03
C TYR C 57 -3.09 8.35 -11.91
N GLY C 58 -2.84 9.09 -10.83
CA GLY C 58 -1.54 9.68 -10.66
C GLY C 58 -1.24 9.93 -9.21
N ARG C 59 -0.01 10.36 -8.95
CA ARG C 59 0.42 10.66 -7.59
C ARG C 59 1.47 11.74 -7.66
N ALA C 60 1.51 12.60 -6.65
CA ALA C 60 2.54 13.63 -6.60
C ALA C 60 3.04 13.75 -5.18
N THR C 61 4.36 13.82 -5.04
CA THR C 61 4.99 14.04 -3.74
C THR C 61 5.96 15.20 -3.84
N CYS C 62 6.16 15.89 -2.72
CA CYS C 62 7.14 16.95 -2.67
C CYS C 62 8.00 16.81 -1.45
N LYS C 63 9.25 17.22 -1.58
CA LYS C 63 10.15 17.34 -0.45
C LYS C 63 9.42 18.13 0.65
N GLN C 64 9.39 17.58 1.86
CA GLN C 64 8.62 18.16 2.96
C GLN C 64 9.20 19.49 3.45
N SER C 65 10.49 19.70 3.17
CA SER C 65 11.21 20.84 3.71
C SER C 65 11.05 22.11 2.87
N ILE C 66 10.24 22.03 1.82
CA ILE C 66 10.03 23.20 0.95
C ILE C 66 8.68 23.90 1.17
N SER C 67 8.59 25.15 0.71
CA SER C 67 7.38 25.95 0.87
C SER C 67 6.25 25.46 -0.03
N GLN C 68 5.04 25.92 0.24
CA GLN C 68 3.85 25.46 -0.47
C GLN C 68 3.78 26.00 -1.90
N SER C 69 4.35 27.18 -2.12
CA SER C 69 4.47 27.72 -3.46
C SER C 69 5.56 26.96 -4.22
N ASP C 70 6.61 26.55 -3.51
CA ASP C 70 7.71 25.80 -4.12
C ASP C 70 7.30 24.41 -4.63
N CYS C 71 6.57 23.68 -3.80
CA CYS C 71 6.08 22.36 -4.17
C CYS C 71 5.25 22.46 -5.45
N THR C 72 4.34 23.44 -5.47
CA THR C 72 3.46 23.67 -6.62
C THR C 72 4.28 23.97 -7.87
N ALA C 73 5.37 24.71 -7.67
CA ALA C 73 6.23 25.15 -8.75
C ALA C 73 7.09 24.02 -9.31
N CYS C 74 7.64 23.19 -8.43
CA CYS C 74 8.36 22.03 -8.91
C CYS C 74 7.40 21.16 -9.72
N LEU C 75 6.24 20.85 -9.14
CA LEU C 75 5.27 19.99 -9.83
C LEU C 75 4.82 20.57 -11.17
N SER C 76 4.68 21.89 -11.22
CA SER C 76 4.33 22.57 -12.48
C SER C 76 5.45 22.38 -13.48
N ASN C 77 6.69 22.42 -12.98
CA ASN C 77 7.87 22.16 -13.80
C ASN C 77 7.89 20.69 -14.27
N LEU C 78 7.58 19.77 -13.36
CA LEU C 78 7.63 18.37 -13.72
C LEU C 78 6.61 18.13 -14.80
N VAL C 79 5.44 18.73 -14.63
CA VAL C 79 4.29 18.47 -15.50
C VAL C 79 4.54 18.91 -16.94
N ASN C 80 5.22 20.03 -17.11
CA ASN C 80 5.53 20.51 -18.46
C ASN C 80 6.54 19.63 -19.19
N ARG C 81 7.27 18.82 -18.44
CA ARG C 81 8.35 18.01 -18.99
C ARG C 81 8.00 16.53 -19.14
N ILE C 82 7.07 16.05 -18.32
CA ILE C 82 6.86 14.61 -18.14
C ILE C 82 6.58 13.88 -19.47
N PHE C 83 5.79 14.50 -20.34
CA PHE C 83 5.46 13.88 -21.61
C PHE C 83 6.71 13.68 -22.46
N SER C 84 7.66 14.61 -22.33
CA SER C 84 8.88 14.54 -23.11
C SER C 84 9.91 13.57 -22.50
N ILE C 85 9.97 13.52 -21.18
CA ILE C 85 10.89 12.60 -20.51
C ILE C 85 10.58 11.12 -20.78
N CYS C 86 9.29 10.80 -20.91
CA CYS C 86 8.84 9.42 -21.13
C CYS C 86 8.16 9.19 -22.48
N ASN C 87 8.10 10.24 -23.29
CA ASN C 87 7.60 10.18 -24.67
C ASN C 87 6.12 9.82 -24.79
N ASN C 88 5.26 10.58 -24.12
CA ASN C 88 3.83 10.34 -24.18
C ASN C 88 3.48 8.90 -23.85
N ALA C 89 4.05 8.39 -22.76
CA ALA C 89 3.78 7.01 -22.32
C ALA C 89 2.44 6.92 -21.61
N ILE C 90 1.83 5.75 -21.66
CA ILE C 90 0.56 5.50 -20.98
C ILE C 90 0.80 5.42 -19.48
N GLY C 91 2.08 5.39 -19.09
CA GLY C 91 2.44 5.31 -17.69
C GLY C 91 3.87 5.79 -17.47
N ALA C 92 4.08 6.50 -16.38
CA ALA C 92 5.40 7.04 -16.07
C ALA C 92 5.58 7.31 -14.57
N ARG C 93 6.84 7.30 -14.13
CA ARG C 93 7.24 7.78 -12.81
C ARG C 93 8.45 8.68 -12.98
N VAL C 94 8.34 9.96 -12.63
CA VAL C 94 9.48 10.86 -12.72
C VAL C 94 9.79 11.54 -11.39
N GLN C 95 11.02 11.36 -10.93
CA GLN C 95 11.47 12.03 -9.73
C GLN C 95 12.45 13.15 -10.08
N LEU C 96 12.02 14.38 -9.84
CA LEU C 96 12.95 15.52 -9.77
C LEU C 96 13.37 15.65 -8.31
N VAL C 97 14.40 16.45 -8.05
CA VAL C 97 14.95 16.55 -6.70
C VAL C 97 13.89 16.86 -5.60
N ASP C 98 12.98 17.79 -5.87
CA ASP C 98 11.99 18.21 -4.86
C ASP C 98 10.61 17.54 -5.01
N CYS C 99 10.29 17.13 -6.23
CA CYS C 99 8.97 16.56 -6.50
C CYS C 99 9.04 15.28 -7.33
N PHE C 100 7.88 14.66 -7.49
CA PHE C 100 7.75 13.38 -8.18
C PHE C 100 6.35 13.37 -8.75
N ILE C 101 6.20 12.77 -9.93
CA ILE C 101 4.88 12.55 -10.51
C ILE C 101 4.81 11.18 -11.21
N GLN C 102 3.87 10.36 -10.78
CA GLN C 102 3.58 9.11 -11.49
C GLN C 102 2.15 9.12 -12.03
N TYR C 103 1.98 8.70 -13.28
CA TYR C 103 0.63 8.56 -13.82
C TYR C 103 0.44 7.19 -14.45
N GLU C 104 -0.78 6.65 -14.33
CA GLU C 104 -1.11 5.36 -14.94
C GLU C 104 -2.53 5.42 -15.51
N GLN C 105 -2.85 4.46 -16.40
CA GLN C 105 -4.20 4.27 -16.91
C GLN C 105 -4.91 3.18 -16.10
N ARG C 106 -4.41 2.96 -14.88
CA ARG C 106 -4.87 1.90 -13.99
C ARG C 106 -4.53 2.30 -12.57
N SER C 107 -5.45 2.10 -11.63
CA SER C 107 -5.20 2.41 -10.22
C SER C 107 -3.98 1.62 -9.71
N PHE C 108 -3.15 2.29 -8.92
CA PHE C 108 -1.90 1.71 -8.44
C PHE C 108 -1.64 2.14 -7.02
N ALA D 1 -16.69 -9.43 -0.78
CA ALA D 1 -17.77 -8.49 -1.09
C ALA D 1 -18.23 -8.66 -2.52
N ASN D 2 -19.52 -8.50 -2.75
CA ASN D 2 -20.06 -8.48 -4.10
C ASN D 2 -20.06 -7.04 -4.56
N THR D 3 -19.28 -6.74 -5.60
CA THR D 3 -19.16 -5.38 -6.05
C THR D 3 -19.78 -5.24 -7.43
N ALA D 4 -20.82 -6.02 -7.68
CA ALA D 4 -21.55 -5.92 -8.93
C ALA D 4 -22.44 -4.69 -8.91
N PHE D 5 -22.26 -3.80 -9.89
CA PHE D 5 -22.99 -2.55 -9.97
C PHE D 5 -24.51 -2.76 -9.92
N VAL D 6 -25.19 -1.94 -9.11
CA VAL D 6 -26.64 -2.03 -8.96
C VAL D 6 -27.34 -0.78 -9.46
N SER D 7 -26.88 0.39 -9.04
CA SER D 7 -27.53 1.63 -9.43
C SER D 7 -26.64 2.86 -9.25
N SER D 8 -27.04 3.95 -9.89
CA SER D 8 -26.33 5.22 -9.78
C SER D 8 -27.23 6.44 -9.99
N ALA D 9 -26.83 7.57 -9.43
CA ALA D 9 -27.40 8.86 -9.77
C ALA D 9 -26.28 9.90 -9.69
N CYS D 10 -26.09 10.65 -10.76
CA CYS D 10 -24.97 11.57 -10.86
C CYS D 10 -25.42 12.97 -11.22
N ASN D 11 -24.92 13.96 -10.48
CA ASN D 11 -25.16 15.35 -10.82
C ASN D 11 -24.73 15.63 -12.25
N THR D 12 -25.50 16.45 -12.96
CA THR D 12 -25.17 16.77 -14.35
C THR D 12 -23.97 17.71 -14.36
N GLN D 13 -23.63 18.24 -13.18
CA GLN D 13 -22.54 19.20 -13.05
C GLN D 13 -21.24 18.56 -12.58
N LYS D 14 -20.16 18.84 -13.31
CA LYS D 14 -18.88 18.16 -13.08
C LYS D 14 -17.85 19.02 -12.36
N ILE D 15 -16.86 18.36 -11.77
CA ILE D 15 -15.76 19.04 -11.08
C ILE D 15 -14.80 19.65 -12.11
N PRO D 16 -14.62 20.99 -12.06
CA PRO D 16 -13.65 21.67 -12.92
C PRO D 16 -12.28 21.00 -12.88
N SER D 17 -11.65 20.86 -14.04
CA SER D 17 -10.31 20.30 -14.08
C SER D 17 -9.33 21.09 -13.21
N GLY D 18 -8.68 20.41 -12.28
CA GLY D 18 -7.70 21.04 -11.40
C GLY D 18 -8.31 21.57 -10.12
N SER D 19 -9.62 21.44 -9.99
CA SER D 19 -10.33 21.95 -8.82
C SER D 19 -9.67 21.52 -7.52
N PRO D 20 -9.71 22.40 -6.51
CA PRO D 20 -9.36 22.08 -5.13
C PRO D 20 -10.39 21.14 -4.48
N PHE D 21 -11.63 21.16 -4.95
CA PHE D 21 -12.65 20.23 -4.44
C PHE D 21 -12.11 18.80 -4.54
N ASN D 22 -11.44 18.50 -5.65
CA ASN D 22 -10.81 17.20 -5.86
C ASN D 22 -10.13 16.67 -4.60
N ARG D 23 -9.52 17.57 -3.84
CA ARG D 23 -8.70 17.15 -2.69
C ARG D 23 -9.46 16.97 -1.37
N ASN D 24 -10.42 17.85 -1.07
CA ASN D 24 -11.26 17.61 0.11
C ASN D 24 -12.38 16.62 -0.21
N LEU D 25 -12.58 16.35 -1.50
CA LEU D 25 -13.48 15.27 -1.89
C LEU D 25 -12.81 13.92 -1.67
N ARG D 26 -11.62 13.73 -2.22
CA ARG D 26 -10.94 12.45 -2.14
C ARG D 26 -10.51 12.12 -0.70
N ALA D 27 -10.23 13.15 0.10
CA ALA D 27 -9.84 12.96 1.51
C ALA D 27 -10.99 12.47 2.38
N MET D 28 -12.17 13.00 2.12
CA MET D 28 -13.38 12.56 2.79
C MET D 28 -13.76 11.13 2.38
N LEU D 29 -13.48 10.78 1.13
CA LEU D 29 -13.74 9.42 0.62
C LEU D 29 -12.92 8.35 1.33
N ALA D 30 -11.66 8.66 1.59
CA ALA D 30 -10.77 7.76 2.33
C ALA D 30 -11.26 7.63 3.78
N ASP D 31 -11.76 8.72 4.34
CA ASP D 31 -12.40 8.71 5.65
C ASP D 31 -13.58 7.71 5.66
N LEU D 32 -14.43 7.75 4.62
CA LEU D 32 -15.53 6.79 4.51
C LEU D 32 -15.05 5.35 4.39
N ARG D 33 -14.18 5.12 3.41
CA ARG D 33 -13.61 3.80 3.11
C ARG D 33 -13.13 3.08 4.37
N GLN D 34 -12.28 3.76 5.14
CA GLN D 34 -11.55 3.12 6.23
C GLN D 34 -12.33 2.98 7.53
N ASN D 35 -13.39 3.78 7.68
CA ASN D 35 -14.12 3.86 8.95
C ASN D 35 -15.51 3.23 9.00
N THR D 36 -16.19 3.17 7.86
CA THR D 36 -17.59 2.69 7.85
C THR D 36 -17.75 1.32 8.49
N ALA D 37 -16.79 0.43 8.26
CA ALA D 37 -16.89 -0.91 8.79
C ALA D 37 -16.90 -0.83 10.31
N PHE D 38 -16.18 0.16 10.84
CA PHE D 38 -15.95 0.26 12.28
C PHE D 38 -16.80 1.36 12.93
N SER D 39 -17.83 1.80 12.20
CA SER D 39 -18.72 2.85 12.67
C SER D 39 -20.16 2.49 12.35
N GLY D 40 -20.44 1.20 12.25
CA GLY D 40 -21.80 0.72 12.08
C GLY D 40 -22.28 0.69 10.64
N TYR D 41 -21.40 0.27 9.75
CA TYR D 41 -21.77 -0.02 8.36
C TYR D 41 -22.67 1.02 7.70
N ASP D 42 -22.73 2.21 8.30
CA ASP D 42 -23.51 3.31 7.76
C ASP D 42 -22.96 4.56 8.41
N TYR D 43 -22.00 5.18 7.75
CA TYR D 43 -21.18 6.19 8.37
C TYR D 43 -21.20 7.48 7.56
N LYS D 44 -21.17 8.62 8.24
CA LYS D 44 -21.12 9.90 7.54
C LYS D 44 -19.96 10.76 8.06
N THR D 45 -19.38 11.57 7.18
CA THR D 45 -18.31 12.47 7.55
C THR D 45 -18.13 13.56 6.47
N SER D 46 -17.19 14.48 6.66
CA SER D 46 -16.95 15.55 5.69
C SER D 46 -15.51 16.09 5.75
N ARG D 47 -15.15 16.88 4.72
CA ARG D 47 -13.84 17.56 4.69
C ARG D 47 -14.04 18.97 4.14
N ALA D 48 -13.96 19.96 5.01
CA ALA D 48 -14.19 21.34 4.64
C ALA D 48 -13.41 21.73 3.38
N GLY D 49 -13.89 22.74 2.68
CA GLY D 49 -13.24 23.21 1.47
C GLY D 49 -12.28 24.35 1.73
N SER D 50 -11.15 24.34 1.01
CA SER D 50 -10.16 25.40 1.12
C SER D 50 -9.70 25.81 -0.27
N GLY D 51 -9.36 27.08 -0.44
CA GLY D 51 -8.93 27.58 -1.73
C GLY D 51 -10.11 27.94 -2.62
N GLY D 52 -11.31 27.95 -2.03
CA GLY D 52 -12.52 28.28 -2.76
C GLY D 52 -13.53 27.15 -2.82
N ALA D 53 -13.05 25.92 -2.98
CA ALA D 53 -13.91 24.75 -3.11
C ALA D 53 -14.89 24.63 -1.94
N PRO D 54 -16.06 24.06 -2.20
CA PRO D 54 -17.06 23.75 -1.17
C PRO D 54 -16.61 22.62 -0.26
N THR D 55 -17.41 22.36 0.76
CA THR D 55 -17.19 21.21 1.63
C THR D 55 -17.60 19.93 0.90
N ALA D 56 -16.84 18.86 1.13
CA ALA D 56 -17.22 17.54 0.64
C ALA D 56 -18.00 16.82 1.74
N TYR D 57 -19.25 16.47 1.46
CA TYR D 57 -20.07 15.64 2.35
C TYR D 57 -20.20 14.25 1.77
N GLY D 58 -20.50 13.27 2.60
CA GLY D 58 -20.65 11.91 2.11
C GLY D 58 -21.24 10.96 3.11
N ARG D 59 -21.52 9.75 2.64
CA ARG D 59 -22.08 8.68 3.46
C ARG D 59 -21.74 7.33 2.84
N ALA D 60 -21.20 6.42 3.65
CA ALA D 60 -20.88 5.07 3.19
C ALA D 60 -21.71 4.05 3.94
N THR D 61 -22.14 3.02 3.22
CA THR D 61 -22.92 1.95 3.79
C THR D 61 -22.33 0.61 3.36
N CYS D 62 -22.48 -0.41 4.20
CA CYS D 62 -22.08 -1.76 3.85
C CYS D 62 -23.22 -2.71 4.19
N LYS D 63 -23.30 -3.80 3.42
CA LYS D 63 -24.25 -4.87 3.70
C LYS D 63 -23.88 -5.53 5.02
N GLN D 64 -24.84 -5.60 5.93
CA GLN D 64 -24.55 -6.06 7.28
C GLN D 64 -23.90 -7.45 7.35
N SER D 65 -24.08 -8.24 6.29
CA SER D 65 -23.67 -9.64 6.31
C SER D 65 -22.22 -9.90 5.88
N ILE D 66 -21.48 -8.85 5.55
CA ILE D 66 -20.08 -9.04 5.17
C ILE D 66 -19.16 -8.66 6.33
N SER D 67 -17.95 -9.22 6.32
CA SER D 67 -17.00 -8.95 7.39
C SER D 67 -16.50 -7.53 7.27
N GLN D 68 -15.89 -7.01 8.33
CA GLN D 68 -15.39 -5.64 8.32
C GLN D 68 -14.35 -5.42 7.22
N SER D 69 -13.48 -6.39 7.01
CA SER D 69 -12.43 -6.28 5.99
C SER D 69 -13.03 -6.36 4.59
N ASP D 70 -14.22 -6.95 4.51
CA ASP D 70 -14.90 -7.12 3.24
C ASP D 70 -15.66 -5.82 2.93
N CYS D 71 -16.16 -5.18 3.98
CA CYS D 71 -16.77 -3.86 3.87
C CYS D 71 -15.71 -2.90 3.33
N THR D 72 -14.59 -2.80 4.03
CA THR D 72 -13.51 -1.93 3.63
C THR D 72 -13.14 -2.14 2.15
N ALA D 73 -12.77 -3.37 1.78
CA ALA D 73 -12.37 -3.69 0.41
C ALA D 73 -13.43 -3.27 -0.59
N CYS D 74 -14.68 -3.58 -0.26
CA CYS D 74 -15.79 -3.13 -1.08
C CYS D 74 -15.70 -1.62 -1.27
N LEU D 75 -15.67 -0.89 -0.16
CA LEU D 75 -15.64 0.57 -0.23
C LEU D 75 -14.39 1.11 -0.93
N SER D 76 -13.33 0.30 -0.99
CA SER D 76 -12.12 0.66 -1.76
C SER D 76 -12.38 0.50 -3.25
N ASN D 77 -13.06 -0.58 -3.60
CA ASN D 77 -13.47 -0.81 -4.99
C ASN D 77 -14.30 0.37 -5.52
N LEU D 78 -15.31 0.79 -4.77
CA LEU D 78 -16.20 1.86 -5.22
C LEU D 78 -15.44 3.17 -5.45
N VAL D 79 -14.62 3.57 -4.48
CA VAL D 79 -13.89 4.82 -4.55
C VAL D 79 -13.14 4.97 -5.87
N ASN D 80 -12.65 3.85 -6.41
CA ASN D 80 -11.90 3.87 -7.66
C ASN D 80 -12.76 3.47 -8.85
N ARG D 81 -14.06 3.65 -8.71
CA ARG D 81 -14.97 3.45 -9.82
C ARG D 81 -15.87 4.65 -9.86
N ILE D 82 -16.06 5.27 -8.71
CA ILE D 82 -17.06 6.32 -8.57
C ILE D 82 -16.83 7.45 -9.60
N PHE D 83 -15.59 7.94 -9.72
CA PHE D 83 -15.30 9.00 -10.67
C PHE D 83 -15.54 8.57 -12.11
N SER D 84 -15.62 7.26 -12.30
CA SER D 84 -15.90 6.66 -13.61
C SER D 84 -17.40 6.56 -13.81
N ILE D 85 -18.10 5.97 -12.85
CA ILE D 85 -19.54 5.78 -12.95
C ILE D 85 -20.26 7.11 -13.15
N CYS D 86 -19.78 8.14 -12.47
CA CYS D 86 -20.44 9.44 -12.44
C CYS D 86 -19.63 10.54 -13.16
N ASN D 87 -18.55 10.13 -13.82
CA ASN D 87 -17.72 11.00 -14.66
C ASN D 87 -17.23 12.32 -14.04
N ASN D 88 -16.50 12.21 -12.93
CA ASN D 88 -15.93 13.37 -12.26
C ASN D 88 -17.01 14.34 -11.73
N ALA D 89 -18.12 13.80 -11.27
CA ALA D 89 -19.31 14.59 -10.91
C ALA D 89 -19.19 15.32 -9.58
N ILE D 90 -19.91 16.43 -9.46
CA ILE D 90 -19.87 17.22 -8.24
C ILE D 90 -20.73 16.57 -7.15
N GLY D 91 -21.51 15.57 -7.55
CA GLY D 91 -22.37 14.82 -6.64
C GLY D 91 -22.77 13.49 -7.25
N ALA D 92 -22.75 12.43 -6.43
CA ALA D 92 -23.03 11.08 -6.91
C ALA D 92 -23.55 10.16 -5.83
N ARG D 93 -24.44 9.26 -6.22
CA ARG D 93 -24.78 8.09 -5.42
C ARG D 93 -24.47 6.87 -6.26
N VAL D 94 -23.75 5.91 -5.71
CA VAL D 94 -23.54 4.63 -6.40
C VAL D 94 -23.86 3.45 -5.48
N GLN D 95 -24.65 2.53 -6.00
CA GLN D 95 -24.94 1.29 -5.29
C GLN D 95 -24.32 0.09 -6.02
N LEU D 96 -23.46 -0.64 -5.33
CA LEU D 96 -23.01 -1.95 -5.80
C LEU D 96 -23.87 -2.96 -5.07
N VAL D 97 -23.58 -4.25 -5.20
CA VAL D 97 -24.40 -5.25 -4.53
C VAL D 97 -24.12 -5.28 -3.03
N ASP D 98 -22.92 -4.90 -2.63
CA ASP D 98 -22.56 -5.03 -1.22
C ASP D 98 -22.16 -3.73 -0.52
N CYS D 99 -22.16 -2.62 -1.26
CA CYS D 99 -21.85 -1.33 -0.66
C CYS D 99 -22.33 -0.12 -1.47
N PHE D 100 -22.48 1.00 -0.75
CA PHE D 100 -23.08 2.21 -1.29
C PHE D 100 -22.24 3.38 -0.85
N ILE D 101 -22.08 4.36 -1.73
CA ILE D 101 -21.38 5.59 -1.39
C ILE D 101 -22.13 6.79 -1.97
N GLN D 102 -22.34 7.82 -1.16
CA GLN D 102 -22.86 9.09 -1.66
C GLN D 102 -21.93 10.24 -1.37
N TYR D 103 -21.74 11.11 -2.36
CA TYR D 103 -21.07 12.40 -2.12
C TYR D 103 -21.80 13.59 -2.78
N GLU D 104 -21.76 14.74 -2.10
CA GLU D 104 -22.38 15.97 -2.59
C GLU D 104 -21.52 17.17 -2.20
N GLN D 105 -21.89 18.35 -2.68
CA GLN D 105 -21.26 19.60 -2.24
C GLN D 105 -22.19 20.35 -1.30
N ARG D 106 -23.14 19.61 -0.74
CA ARG D 106 -24.21 20.15 0.10
C ARG D 106 -24.68 19.05 1.05
N SER D 107 -24.97 19.42 2.30
CA SER D 107 -25.42 18.44 3.31
C SER D 107 -26.75 17.81 2.90
N PHE D 108 -26.90 16.52 3.19
CA PHE D 108 -28.08 15.76 2.73
C PHE D 108 -28.71 14.86 3.81
#